data_7FC2
#
_entry.id   7FC2
#
_cell.length_a   52.390
_cell.length_b   108.922
_cell.length_c   120.110
_cell.angle_alpha   90.000
_cell.angle_beta   90.000
_cell.angle_gamma   90.000
#
_symmetry.space_group_name_H-M   'I 2 2 2'
#
loop_
_entity.id
_entity.type
_entity.pdbx_description
1 polymer 'Glutathione peroxidase 6'
2 non-polymer 'SULFATE ION'
3 water water
#
_entity_poly.entity_id   1
_entity_poly.type   'polypeptide(L)'
_entity_poly.pdbx_seq_one_letter_code
;MAQKLWGSCLFSLFMAALAQETLNPQKSKVDCNKGVTGTVYEYGANTIDGGEFVNFQQYAGKHILFVNVASFCGLTATYP
ELNTLQEELKPFNVTVLGFPCNQFGKQEPGKNSEILLGLKYVRPGGGYVPNFQLFEKGDVNGDNEQKVFSFLKNSCPPTS
ELFGSPEHLFWDPMKVHDIRWNFEKFLVGPDGVPVMRWFHHTPVRIVQSDIMEYLNQTSTQ
;
_entity_poly.pdbx_strand_id   A
#
# COMPACT_ATOMS: atom_id res chain seq x y z
N PRO A 25 -1.47 -22.33 -6.92
CA PRO A 25 -0.76 -21.43 -7.84
C PRO A 25 -0.87 -19.95 -7.44
N GLN A 26 0.24 -19.22 -7.57
CA GLN A 26 0.27 -17.83 -7.16
C GLN A 26 -0.59 -16.98 -8.08
N LYS A 27 -1.55 -16.27 -7.49
CA LYS A 27 -2.43 -15.41 -8.27
C LYS A 27 -1.88 -13.98 -8.22
N SER A 28 -2.13 -13.22 -9.29
CA SER A 28 -1.60 -11.86 -9.33
C SER A 28 -2.37 -10.89 -8.43
N LYS A 29 -3.60 -11.24 -8.09
CA LYS A 29 -4.59 -10.34 -7.51
C LYS A 29 -5.67 -11.19 -6.83
N VAL A 30 -6.30 -10.63 -5.81
CA VAL A 30 -7.52 -11.20 -5.25
C VAL A 30 -8.56 -10.09 -5.18
N ASP A 31 -9.83 -10.46 -5.38
CA ASP A 31 -10.95 -9.54 -5.18
C ASP A 31 -11.34 -9.53 -3.71
N CYS A 32 -11.65 -8.35 -3.19
CA CYS A 32 -11.95 -8.21 -1.78
C CYS A 32 -13.36 -8.74 -1.47
N ASN A 33 -13.61 -8.99 -0.17
CA ASN A 33 -14.78 -9.73 0.28
C ASN A 33 -16.08 -9.00 -0.03
N LYS A 34 -17.14 -9.79 -0.25
CA LYS A 34 -18.34 -9.35 -0.94
C LYS A 34 -19.19 -8.40 -0.09
N GLY A 35 -19.07 -8.46 1.24
CA GLY A 35 -19.79 -7.56 2.13
C GLY A 35 -19.00 -6.31 2.46
N VAL A 36 -19.46 -5.60 3.50
CA VAL A 36 -18.75 -4.45 4.02
C VAL A 36 -18.63 -4.57 5.54
N THR A 37 -17.60 -3.90 6.08
CA THR A 37 -17.32 -3.84 7.51
C THR A 37 -17.05 -2.37 7.89
N GLY A 38 -17.59 -1.45 7.09
CA GLY A 38 -17.23 -0.05 7.16
C GLY A 38 -16.42 0.39 5.96
N THR A 39 -15.72 1.51 6.14
CA THR A 39 -14.96 2.14 5.07
C THR A 39 -13.63 2.63 5.62
N VAL A 40 -12.78 3.09 4.70
N VAL A 40 -12.76 3.08 4.70
CA VAL A 40 -11.52 3.69 5.06
CA VAL A 40 -11.51 3.69 5.11
C VAL A 40 -11.69 5.09 5.64
C VAL A 40 -11.71 5.06 5.75
N TYR A 41 -12.91 5.64 5.63
CA TYR A 41 -13.12 7.03 5.99
C TYR A 41 -13.12 7.28 7.50
N GLU A 42 -13.06 6.27 8.34
CA GLU A 42 -12.92 6.55 9.76
C GLU A 42 -11.47 6.58 10.22
N TYR A 43 -10.52 6.43 9.31
CA TYR A 43 -9.11 6.31 9.65
C TYR A 43 -8.31 7.46 9.04
N GLY A 44 -7.05 7.57 9.49
CA GLY A 44 -6.14 8.56 8.95
C GLY A 44 -4.70 8.17 9.26
N ALA A 45 -3.79 9.06 8.86
CA ALA A 45 -2.36 8.85 9.11
C ALA A 45 -1.66 10.20 9.08
N ASN A 46 -0.50 10.29 9.74
CA ASN A 46 0.32 11.50 9.69
C ASN A 46 1.19 11.52 8.44
N THR A 47 1.27 12.68 7.80
CA THR A 47 2.18 12.82 6.66
C THR A 47 3.62 12.67 7.12
N ILE A 48 4.45 12.11 6.26
CA ILE A 48 5.84 11.85 6.65
C ILE A 48 6.60 13.16 6.81
N ASP A 49 6.21 14.18 6.06
CA ASP A 49 6.84 15.49 5.98
C ASP A 49 5.91 16.52 6.61
N GLY A 50 5.90 16.59 7.94
CA GLY A 50 5.02 17.53 8.58
C GLY A 50 4.26 16.97 9.76
N GLY A 51 4.14 15.66 9.86
CA GLY A 51 3.40 15.06 10.95
C GLY A 51 1.93 15.44 10.98
N GLU A 52 1.44 16.03 9.88
CA GLU A 52 0.05 16.46 9.81
C GLU A 52 -0.90 15.29 9.66
N PHE A 53 -1.89 15.20 10.56
CA PHE A 53 -2.87 14.13 10.47
C PHE A 53 -3.80 14.34 9.29
N VAL A 54 -3.99 13.30 8.49
CA VAL A 54 -4.84 13.31 7.31
C VAL A 54 -5.82 12.18 7.48
N ASN A 55 -7.09 12.52 7.70
CA ASN A 55 -8.16 11.54 7.65
C ASN A 55 -8.49 11.27 6.18
N PHE A 56 -8.80 10.01 5.87
CA PHE A 56 -8.86 9.59 4.47
C PHE A 56 -10.10 10.12 3.73
N GLN A 57 -11.03 10.79 4.41
CA GLN A 57 -12.06 11.56 3.72
C GLN A 57 -11.48 12.74 2.94
N GLN A 58 -10.22 13.12 3.17
CA GLN A 58 -9.59 14.03 2.24
C GLN A 58 -9.51 13.44 0.84
N TYR A 59 -9.75 12.14 0.69
CA TYR A 59 -9.85 11.45 -0.60
C TYR A 59 -11.24 10.89 -0.81
N ALA A 60 -12.25 11.45 -0.14
CA ALA A 60 -13.61 10.95 -0.31
C ALA A 60 -13.99 10.95 -1.79
N GLY A 61 -14.54 9.83 -2.27
CA GLY A 61 -14.99 9.75 -3.65
C GLY A 61 -13.88 9.48 -4.65
N LYS A 62 -12.63 9.32 -4.22
CA LYS A 62 -11.56 8.95 -5.14
C LYS A 62 -11.29 7.46 -5.05
N HIS A 63 -10.70 6.89 -6.10
CA HIS A 63 -10.12 5.56 -5.99
C HIS A 63 -8.74 5.69 -5.37
N ILE A 64 -8.45 4.89 -4.34
CA ILE A 64 -7.21 5.03 -3.57
C ILE A 64 -6.39 3.75 -3.67
N LEU A 65 -5.11 3.88 -4.02
CA LEU A 65 -4.19 2.74 -4.01
C LEU A 65 -3.28 2.86 -2.77
N PHE A 66 -3.50 1.99 -1.79
CA PHE A 66 -2.68 1.90 -0.59
C PHE A 66 -1.51 0.97 -0.85
N VAL A 67 -0.29 1.43 -0.61
CA VAL A 67 0.92 0.64 -0.84
C VAL A 67 1.82 0.77 0.38
N ASN A 68 2.19 -0.36 0.98
CA ASN A 68 3.20 -0.32 2.04
C ASN A 68 4.56 -0.44 1.35
N VAL A 69 5.48 0.43 1.73
CA VAL A 69 6.71 0.64 0.96
C VAL A 69 7.92 0.42 1.85
N ALA A 70 9.09 0.32 1.21
CA ALA A 70 10.35 0.17 1.92
C ALA A 70 11.46 0.61 0.97
N SER A 71 12.63 0.92 1.53
CA SER A 71 13.69 1.58 0.78
C SER A 71 14.83 0.66 0.38
N PHE A 72 14.96 -0.52 0.98
CA PHE A 72 16.08 -1.41 0.71
C PHE A 72 15.57 -2.79 0.33
N CYS A 73 14.62 -2.80 -0.60
CA CYS A 73 14.00 -3.98 -1.16
C CYS A 73 14.32 -4.01 -2.65
N GLY A 74 14.38 -5.22 -3.24
CA GLY A 74 14.44 -5.29 -4.70
C GLY A 74 13.30 -4.51 -5.33
N LEU A 75 12.10 -4.62 -4.74
CA LEU A 75 10.92 -3.92 -5.24
C LEU A 75 10.97 -2.41 -5.02
N THR A 76 11.95 -1.90 -4.24
CA THR A 76 12.14 -0.45 -4.19
C THR A 76 12.33 0.11 -5.58
N ALA A 77 12.91 -0.68 -6.49
CA ALA A 77 13.08 -0.20 -7.86
C ALA A 77 11.76 0.10 -8.56
N THR A 78 10.61 -0.33 -8.01
CA THR A 78 9.31 -0.05 -8.63
C THR A 78 8.74 1.32 -8.25
N TYR A 79 9.29 2.02 -7.22
CA TYR A 79 8.98 3.46 -7.09
C TYR A 79 8.77 4.29 -8.36
N PRO A 80 9.71 4.32 -9.32
CA PRO A 80 9.42 5.11 -10.53
C PRO A 80 8.19 4.62 -11.27
N GLU A 81 7.96 3.30 -11.32
CA GLU A 81 6.76 2.81 -12.01
C GLU A 81 5.49 3.25 -11.28
N LEU A 82 5.53 3.29 -9.95
CA LEU A 82 4.41 3.84 -9.20
C LEU A 82 4.14 5.28 -9.61
N ASN A 83 5.20 6.10 -9.81
CA ASN A 83 4.98 7.46 -10.28
C ASN A 83 4.24 7.45 -11.61
N THR A 84 4.70 6.60 -12.53
CA THR A 84 4.04 6.53 -13.83
C THR A 84 2.57 6.18 -13.66
N LEU A 85 2.28 5.18 -12.81
CA LEU A 85 0.90 4.80 -12.55
C LEU A 85 0.11 6.01 -12.07
N GLN A 86 0.65 6.70 -11.06
CA GLN A 86 -0.06 7.84 -10.50
C GLN A 86 -0.29 8.89 -11.57
N GLU A 87 0.76 9.17 -12.34
CA GLU A 87 0.64 10.24 -13.32
C GLU A 87 -0.38 9.88 -14.36
N GLU A 88 -0.40 8.62 -14.78
CA GLU A 88 -1.28 8.31 -15.90
C GLU A 88 -2.69 8.05 -15.40
N LEU A 89 -2.87 7.73 -14.11
CA LEU A 89 -4.23 7.47 -13.66
C LEU A 89 -4.84 8.65 -12.92
N LYS A 90 -4.07 9.70 -12.65
CA LYS A 90 -4.61 10.89 -11.99
C LYS A 90 -5.82 11.48 -12.72
N PRO A 91 -5.86 11.62 -14.05
CA PRO A 91 -7.07 12.14 -14.70
C PRO A 91 -8.27 11.24 -14.54
N PHE A 92 -8.09 10.02 -14.02
CA PHE A 92 -9.17 9.07 -13.88
C PHE A 92 -9.52 8.82 -12.43
N ASN A 93 -9.17 9.76 -11.56
CA ASN A 93 -9.68 9.81 -10.19
C ASN A 93 -8.99 8.76 -9.31
N VAL A 94 -7.67 8.62 -9.46
CA VAL A 94 -6.90 7.66 -8.69
C VAL A 94 -5.81 8.41 -7.92
N THR A 95 -5.67 8.07 -6.64
CA THR A 95 -4.66 8.66 -5.75
C THR A 95 -3.85 7.54 -5.12
N VAL A 96 -2.53 7.63 -5.16
CA VAL A 96 -1.66 6.63 -4.54
C VAL A 96 -1.23 7.15 -3.17
N LEU A 97 -1.22 6.27 -2.17
CA LEU A 97 -0.76 6.58 -0.81
C LEU A 97 0.29 5.54 -0.40
N GLY A 98 1.42 6.00 0.13
CA GLY A 98 2.52 5.11 0.54
C GLY A 98 2.70 5.09 2.04
N PHE A 99 2.91 3.89 2.59
CA PHE A 99 3.06 3.67 4.02
C PHE A 99 4.37 2.94 4.30
N PRO A 100 5.42 3.65 4.69
CA PRO A 100 6.69 2.98 5.01
C PRO A 100 6.53 2.04 6.18
N CYS A 101 7.21 0.89 6.08
CA CYS A 101 7.09 -0.17 7.07
C CYS A 101 8.39 -0.95 7.13
N ASN A 102 8.92 -1.12 8.35
CA ASN A 102 10.19 -1.81 8.58
C ASN A 102 10.01 -3.28 8.97
N GLN A 103 8.83 -3.85 8.77
CA GLN A 103 8.51 -5.17 9.33
C GLN A 103 8.91 -6.33 8.44
N PHE A 104 9.36 -6.06 7.20
CA PHE A 104 9.65 -7.09 6.20
C PHE A 104 11.14 -7.05 5.85
N GLY A 105 11.93 -7.91 6.50
CA GLY A 105 13.37 -7.90 6.28
C GLY A 105 14.07 -6.67 6.80
N LYS A 106 13.41 -5.88 7.66
CA LYS A 106 13.92 -4.59 8.14
C LYS A 106 14.43 -3.75 6.97
N GLN A 107 13.60 -3.60 5.96
CA GLN A 107 14.04 -2.90 4.76
C GLN A 107 13.63 -1.43 4.77
N GLU A 108 13.23 -0.90 5.92
CA GLU A 108 12.94 0.54 6.06
C GLU A 108 13.52 1.03 7.38
N PRO A 109 14.85 0.98 7.52
CA PRO A 109 15.45 1.33 8.80
C PRO A 109 15.43 2.82 9.10
N GLY A 110 15.32 3.67 8.09
CA GLY A 110 15.45 5.09 8.31
C GLY A 110 14.33 5.64 9.16
N LYS A 111 14.65 6.73 9.87
CA LYS A 111 13.64 7.56 10.53
C LYS A 111 12.77 8.26 9.49
N ASN A 112 11.60 8.76 9.95
CA ASN A 112 10.73 9.51 9.05
C ASN A 112 11.48 10.63 8.34
N SER A 113 12.33 11.35 9.08
CA SER A 113 13.09 12.44 8.51
C SER A 113 14.17 11.99 7.53
N GLU A 114 14.41 10.68 7.40
CA GLU A 114 15.45 10.16 6.52
C GLU A 114 14.91 9.51 5.23
N ILE A 115 13.62 9.19 5.17
CA ILE A 115 13.14 8.28 4.13
C ILE A 115 13.12 8.96 2.76
N LEU A 116 12.53 10.16 2.67
CA LEU A 116 12.52 10.86 1.37
C LEU A 116 13.94 11.18 0.90
N LEU A 117 14.82 11.59 1.83
CA LEU A 117 16.21 11.82 1.48
C LEU A 117 16.83 10.57 0.86
N GLY A 118 16.61 9.40 1.47
CA GLY A 118 17.18 8.18 0.92
C GLY A 118 16.59 7.85 -0.45
N LEU A 119 15.30 8.11 -0.63
CA LEU A 119 14.70 7.86 -1.94
C LEU A 119 15.34 8.74 -3.00
N LYS A 120 15.64 10.00 -2.63
CA LYS A 120 16.18 10.97 -3.58
C LYS A 120 17.64 10.71 -3.90
N TYR A 121 18.45 10.32 -2.90
CA TYR A 121 19.90 10.28 -3.08
C TYR A 121 20.51 8.89 -3.06
N VAL A 122 19.82 7.88 -2.51
CA VAL A 122 20.45 6.58 -2.32
C VAL A 122 19.78 5.52 -3.20
N ARG A 123 18.54 5.15 -2.85
CA ARG A 123 17.77 4.20 -3.64
C ARG A 123 16.29 4.57 -3.63
N PRO A 124 15.68 4.80 -4.80
CA PRO A 124 16.25 4.73 -6.16
C PRO A 124 17.41 5.69 -6.40
N GLY A 125 17.50 6.77 -5.64
CA GLY A 125 18.53 7.76 -5.91
C GLY A 125 18.27 8.46 -7.24
N GLY A 126 19.31 9.13 -7.73
CA GLY A 126 19.20 9.86 -8.97
C GLY A 126 18.23 11.02 -8.98
N GLY A 127 17.89 11.56 -7.81
CA GLY A 127 16.91 12.62 -7.74
C GLY A 127 15.46 12.19 -7.66
N TYR A 128 15.19 10.89 -7.49
CA TYR A 128 13.81 10.40 -7.46
C TYR A 128 13.01 11.02 -6.32
N VAL A 129 11.81 11.51 -6.66
CA VAL A 129 10.85 11.97 -5.66
C VAL A 129 9.49 11.35 -5.97
N PRO A 130 8.80 10.76 -4.99
CA PRO A 130 7.42 10.29 -5.24
C PRO A 130 6.51 11.44 -5.63
N ASN A 131 5.61 11.19 -6.59
CA ASN A 131 4.57 12.14 -6.94
C ASN A 131 3.25 11.80 -6.25
N PHE A 132 3.34 11.14 -5.09
CA PHE A 132 2.19 10.81 -4.26
C PHE A 132 2.63 10.92 -2.81
N GLN A 133 1.64 10.97 -1.92
CA GLN A 133 1.90 11.20 -0.49
C GLN A 133 2.43 9.96 0.20
N LEU A 134 3.52 10.12 0.96
CA LEU A 134 3.98 9.14 1.94
C LEU A 134 3.61 9.56 3.36
N PHE A 135 3.28 8.59 4.19
CA PHE A 135 2.90 8.81 5.57
C PHE A 135 4.04 8.35 6.48
N GLU A 136 3.85 8.56 7.78
CA GLU A 136 4.88 8.17 8.74
C GLU A 136 5.06 6.65 8.76
N LYS A 137 6.30 6.22 8.99
CA LYS A 137 6.59 4.81 9.15
C LYS A 137 5.77 4.24 10.31
N GLY A 138 5.31 3.00 10.16
CA GLY A 138 4.54 2.34 11.20
C GLY A 138 4.37 0.87 10.86
N ASP A 139 3.64 0.16 11.71
CA ASP A 139 3.41 -1.27 11.47
C ASP A 139 2.15 -1.46 10.61
N VAL A 140 2.18 -2.51 9.79
CA VAL A 140 0.98 -2.97 9.09
C VAL A 140 0.49 -4.33 9.55
N ASN A 141 1.32 -5.07 10.31
CA ASN A 141 0.97 -6.34 10.94
C ASN A 141 1.29 -6.27 12.43
N GLY A 142 0.80 -7.26 13.19
CA GLY A 142 1.11 -7.34 14.60
C GLY A 142 0.18 -6.49 15.44
N ASP A 143 0.36 -6.56 16.75
N ASP A 143 0.40 -6.55 16.74
CA ASP A 143 -0.63 -5.91 17.61
CA ASP A 143 -0.54 -5.93 17.67
C ASP A 143 -0.49 -4.40 17.68
C ASP A 143 -0.47 -4.41 17.68
N ASN A 144 0.56 -3.80 17.08
CA ASN A 144 0.62 -2.36 16.94
C ASN A 144 0.33 -1.89 15.51
N GLU A 145 -0.24 -2.75 14.67
CA GLU A 145 -0.53 -2.36 13.31
C GLU A 145 -1.48 -1.16 13.28
N GLN A 146 -1.28 -0.28 12.30
CA GLN A 146 -2.22 0.81 12.09
C GLN A 146 -3.61 0.24 11.78
N LYS A 147 -4.64 0.91 12.33
CA LYS A 147 -6.02 0.40 12.24
C LYS A 147 -6.54 0.37 10.81
N VAL A 148 -6.11 1.32 9.96
CA VAL A 148 -6.58 1.26 8.58
C VAL A 148 -6.18 -0.06 7.95
N PHE A 149 -5.01 -0.59 8.36
CA PHE A 149 -4.53 -1.86 7.81
C PHE A 149 -5.24 -3.05 8.44
N SER A 150 -5.65 -2.99 9.72
CA SER A 150 -6.58 -3.99 10.23
C SER A 150 -7.81 -4.10 9.32
N PHE A 151 -8.38 -2.94 8.97
CA PHE A 151 -9.55 -2.91 8.09
C PHE A 151 -9.24 -3.50 6.71
N LEU A 152 -8.23 -2.95 6.04
CA LEU A 152 -7.87 -3.38 4.69
C LEU A 152 -7.55 -4.87 4.64
N LYS A 153 -6.64 -5.32 5.51
CA LYS A 153 -6.17 -6.70 5.48
C LYS A 153 -7.31 -7.69 5.69
N ASN A 154 -8.28 -7.35 6.56
CA ASN A 154 -9.33 -8.31 6.82
C ASN A 154 -10.57 -8.10 5.96
N SER A 155 -10.54 -7.12 5.05
CA SER A 155 -11.61 -6.97 4.05
C SER A 155 -11.37 -7.79 2.78
N CYS A 156 -10.20 -8.40 2.63
CA CYS A 156 -9.81 -9.08 1.41
C CYS A 156 -9.10 -10.38 1.76
N PRO A 157 -9.19 -11.39 0.90
CA PRO A 157 -8.38 -12.59 1.11
C PRO A 157 -6.90 -12.23 1.10
N PRO A 158 -6.04 -13.05 1.71
CA PRO A 158 -4.60 -12.80 1.60
C PRO A 158 -4.14 -13.02 0.16
N THR A 159 -2.96 -12.49 -0.15
CA THR A 159 -2.49 -12.56 -1.53
C THR A 159 -1.89 -13.90 -1.89
N SER A 160 -1.53 -14.74 -0.91
CA SER A 160 -0.77 -15.93 -1.22
C SER A 160 -0.98 -17.02 -0.16
N GLU A 161 -1.05 -18.27 -0.62
CA GLU A 161 -0.93 -19.42 0.27
C GLU A 161 0.35 -19.38 1.07
N LEU A 162 1.42 -18.89 0.47
CA LEU A 162 2.73 -18.91 1.10
C LEU A 162 2.83 -17.76 2.08
N PHE A 163 2.98 -18.09 3.36
CA PHE A 163 3.10 -17.03 4.35
C PHE A 163 4.49 -16.43 4.32
N GLY A 164 5.50 -17.26 4.03
CA GLY A 164 6.88 -16.83 3.97
C GLY A 164 7.72 -17.44 5.07
N SER A 165 8.97 -16.99 5.16
CA SER A 165 9.90 -17.51 6.15
C SER A 165 9.98 -16.56 7.33
N PRO A 166 9.62 -16.99 8.53
CA PRO A 166 9.38 -16.04 9.62
C PRO A 166 10.62 -15.36 10.14
N GLU A 167 11.83 -15.84 9.81
CA GLU A 167 13.02 -15.12 10.23
C GLU A 167 13.07 -13.72 9.60
N HIS A 168 12.39 -13.52 8.47
CA HIS A 168 12.33 -12.24 7.78
C HIS A 168 11.12 -11.39 8.19
N LEU A 169 10.26 -11.91 9.07
CA LEU A 169 8.96 -11.32 9.38
C LEU A 169 8.99 -10.85 10.83
N PHE A 170 9.04 -9.54 11.02
CA PHE A 170 9.34 -8.94 12.32
C PHE A 170 8.06 -8.38 12.93
N TRP A 171 7.15 -9.28 13.29
CA TRP A 171 5.96 -8.90 14.05
C TRP A 171 5.39 -10.13 14.73
N ASP A 172 4.43 -9.89 15.62
CA ASP A 172 3.75 -10.91 16.37
C ASP A 172 2.37 -10.41 16.74
N PRO A 173 1.33 -11.25 16.66
CA PRO A 173 1.44 -12.62 16.15
C PRO A 173 1.17 -12.70 14.64
N MET A 174 1.29 -13.89 14.07
CA MET A 174 1.11 -14.09 12.64
C MET A 174 -0.26 -14.67 12.32
N LYS A 175 -0.88 -14.14 11.26
CA LYS A 175 -2.27 -14.40 10.92
C LYS A 175 -2.38 -14.61 9.42
N VAL A 176 -3.37 -15.40 9.01
CA VAL A 176 -3.58 -15.68 7.59
C VAL A 176 -3.65 -14.40 6.77
N HIS A 177 -4.37 -13.38 7.26
CA HIS A 177 -4.62 -12.19 6.44
C HIS A 177 -3.51 -11.13 6.50
N ASP A 178 -2.40 -11.39 7.19
CA ASP A 178 -1.27 -10.46 7.22
C ASP A 178 -0.82 -10.07 5.81
N ILE A 179 -0.34 -8.83 5.71
CA ILE A 179 0.42 -8.42 4.53
C ILE A 179 1.68 -9.29 4.46
N ARG A 180 1.99 -9.76 3.26
CA ARG A 180 3.06 -10.76 3.11
C ARG A 180 4.46 -10.15 3.03
N TRP A 181 4.60 -8.95 2.50
CA TRP A 181 5.91 -8.38 2.20
C TRP A 181 5.73 -6.90 1.86
N ASN A 182 6.86 -6.23 1.68
CA ASN A 182 6.88 -4.88 1.16
C ASN A 182 6.17 -4.81 -0.19
N PHE A 183 5.46 -3.70 -0.42
CA PHE A 183 4.83 -3.34 -1.69
C PHE A 183 3.59 -4.17 -2.01
N GLU A 184 2.97 -4.79 -1.01
CA GLU A 184 1.60 -5.24 -1.16
C GLU A 184 0.70 -4.01 -1.41
N LYS A 185 -0.46 -4.24 -2.05
CA LYS A 185 -1.25 -3.12 -2.56
C LYS A 185 -2.74 -3.40 -2.43
N PHE A 186 -3.50 -2.37 -2.05
CA PHE A 186 -4.97 -2.42 -2.00
C PHE A 186 -5.57 -1.31 -2.84
N LEU A 187 -6.58 -1.62 -3.65
CA LEU A 187 -7.40 -0.60 -4.28
C LEU A 187 -8.68 -0.44 -3.48
N VAL A 188 -9.03 0.78 -3.12
N VAL A 188 -9.03 0.80 -3.17
CA VAL A 188 -10.31 1.04 -2.47
CA VAL A 188 -10.24 1.15 -2.44
C VAL A 188 -11.13 1.95 -3.38
C VAL A 188 -11.11 1.99 -3.38
N GLY A 189 -12.41 1.66 -3.46
CA GLY A 189 -13.31 2.31 -4.38
C GLY A 189 -13.78 3.66 -3.87
N PRO A 190 -14.54 4.36 -4.72
CA PRO A 190 -14.94 5.74 -4.40
C PRO A 190 -15.94 5.84 -3.26
N ASP A 191 -16.42 4.72 -2.72
CA ASP A 191 -17.23 4.72 -1.50
C ASP A 191 -16.41 4.39 -0.27
N GLY A 192 -15.10 4.23 -0.40
CA GLY A 192 -14.25 3.92 0.73
C GLY A 192 -14.10 2.44 1.03
N VAL A 193 -14.64 1.56 0.20
CA VAL A 193 -14.67 0.12 0.45
C VAL A 193 -13.61 -0.56 -0.40
N PRO A 194 -12.80 -1.44 0.15
CA PRO A 194 -11.77 -2.13 -0.65
C PRO A 194 -12.38 -2.97 -1.78
N VAL A 195 -11.67 -3.06 -2.92
N VAL A 195 -11.66 -3.02 -2.91
CA VAL A 195 -12.16 -3.77 -4.07
CA VAL A 195 -12.10 -3.66 -4.13
C VAL A 195 -11.21 -4.89 -4.52
C VAL A 195 -11.21 -4.84 -4.50
N MET A 196 -9.90 -4.64 -4.48
CA MET A 196 -8.96 -5.70 -4.83
C MET A 196 -7.60 -5.46 -4.17
N ARG A 197 -6.79 -6.51 -4.17
CA ARG A 197 -5.54 -6.57 -3.42
C ARG A 197 -4.54 -7.35 -4.27
N TRP A 198 -3.35 -6.78 -4.50
CA TRP A 198 -2.35 -7.39 -5.37
C TRP A 198 -1.21 -8.00 -4.57
N PHE A 199 -0.77 -9.17 -5.01
CA PHE A 199 0.52 -9.75 -4.62
C PHE A 199 1.63 -8.73 -4.84
N HIS A 200 2.56 -8.66 -3.88
CA HIS A 200 3.59 -7.62 -3.93
C HIS A 200 4.46 -7.71 -5.17
N HIS A 201 4.63 -8.90 -5.75
N HIS A 201 4.63 -8.89 -5.74
CA HIS A 201 5.49 -9.06 -6.92
CA HIS A 201 5.50 -9.07 -6.91
C HIS A 201 4.78 -8.85 -8.24
C HIS A 201 4.78 -8.85 -8.24
N THR A 202 3.47 -8.64 -8.22
CA THR A 202 2.78 -8.38 -9.47
C THR A 202 3.31 -7.10 -10.10
N PRO A 203 3.66 -7.12 -11.39
CA PRO A 203 4.21 -5.92 -12.04
C PRO A 203 3.28 -4.74 -11.89
N VAL A 204 3.88 -3.57 -11.64
CA VAL A 204 3.09 -2.34 -11.48
C VAL A 204 2.26 -2.06 -12.73
N ARG A 205 2.78 -2.39 -13.92
CA ARG A 205 1.98 -2.15 -15.13
C ARG A 205 0.69 -2.97 -15.10
N ILE A 206 0.72 -4.16 -14.50
CA ILE A 206 -0.48 -4.97 -14.40
C ILE A 206 -1.43 -4.40 -13.34
N VAL A 207 -0.89 -3.84 -12.25
CA VAL A 207 -1.72 -3.08 -11.31
C VAL A 207 -2.44 -1.95 -12.04
N GLN A 208 -1.68 -1.18 -12.83
CA GLN A 208 -2.26 -0.06 -13.55
C GLN A 208 -3.36 -0.53 -14.50
N SER A 209 -3.09 -1.58 -15.30
CA SER A 209 -4.10 -2.02 -16.26
C SER A 209 -5.30 -2.67 -15.57
N ASP A 210 -5.08 -3.37 -14.45
CA ASP A 210 -6.19 -3.87 -13.63
C ASP A 210 -7.07 -2.73 -13.13
N ILE A 211 -6.44 -1.65 -12.69
CA ILE A 211 -7.22 -0.52 -12.19
C ILE A 211 -8.06 0.06 -13.32
N MET A 212 -7.46 0.24 -14.49
CA MET A 212 -8.24 0.82 -15.58
C MET A 212 -9.37 -0.11 -16.00
N GLU A 213 -9.13 -1.42 -15.99
CA GLU A 213 -10.21 -2.37 -16.27
C GLU A 213 -11.35 -2.19 -15.29
N TYR A 214 -11.03 -2.13 -13.99
CA TYR A 214 -12.06 -1.88 -12.98
C TYR A 214 -12.79 -0.57 -13.26
N LEU A 215 -12.03 0.50 -13.53
CA LEU A 215 -12.64 1.81 -13.74
C LEU A 215 -13.61 1.76 -14.93
N ASN A 216 -13.18 1.12 -16.02
CA ASN A 216 -14.04 1.04 -17.21
C ASN A 216 -15.24 0.12 -16.99
N GLN A 217 -15.10 -0.90 -16.16
CA GLN A 217 -16.24 -1.79 -15.86
C GLN A 217 -17.32 -1.05 -15.10
N THR A 218 -16.95 -0.39 -14.02
CA THR A 218 -17.86 0.37 -13.17
C THR A 218 -18.14 1.75 -13.74
N SER A 219 -18.05 1.87 -15.07
CA SER A 219 -18.20 3.12 -15.84
C SER A 219 -17.45 4.28 -15.21
#